data_7JWD
#
_entry.id   7JWD
#
_cell.length_a   57.720
_cell.length_b   67.659
_cell.length_c   88.780
_cell.angle_alpha   90.000
_cell.angle_beta   90.000
_cell.angle_gamma   90.000
#
_symmetry.space_group_name_H-M   'P 21 21 21'
#
loop_
_entity.id
_entity.type
_entity.pdbx_description
1 polymer 'Retinol-binding protein 2'
2 non-polymer '1,3-dihydroxypropan-2-yl (9Z,12Z)-octadeca-9,12-dienoate'
3 water water
#
_entity_poly.entity_id   1
_entity_poly.type   'polypeptide(L)'
_entity_poly.pdbx_seq_one_letter_code
;MTRDQNGTWEMESNENFEGYMKALDIDFATRKIAVRLTQTKVIDQDGDNFKTKTTSTFRNYDVDFTVGVEFDEYTKSLDN
RHVKALVTWEGDVLVCVQKGEKENRGWKQWIEGDKLYLELTCGDQVCRQVFKKKLVPR
;
_entity_poly.pdbx_strand_id   A,B
#
loop_
_chem_comp.id
_chem_comp.type
_chem_comp.name
_chem_comp.formula
VL7 non-polymer '1,3-dihydroxypropan-2-yl (9Z,12Z)-octadeca-9,12-dienoate' 'C21 H38 O4'
#
# COMPACT_ATOMS: atom_id res chain seq x y z
N MET A 1 15.10 16.41 29.04
CA MET A 1 14.40 15.36 29.77
C MET A 1 12.94 15.33 29.33
N THR A 2 12.71 15.20 28.02
CA THR A 2 11.38 15.24 27.43
C THR A 2 11.08 13.95 26.67
N ARG A 3 11.67 12.84 27.09
CA ARG A 3 11.42 11.57 26.41
C ARG A 3 10.08 10.95 26.78
N ASP A 4 9.40 11.45 27.81
CA ASP A 4 8.15 10.86 28.25
C ASP A 4 7.02 11.35 27.35
N GLN A 5 6.55 10.46 26.47
CA GLN A 5 5.49 10.75 25.51
C GLN A 5 4.15 10.15 25.91
N ASN A 6 4.04 9.63 27.13
CA ASN A 6 2.79 9.03 27.58
C ASN A 6 1.64 10.00 27.42
N GLY A 7 0.52 9.46 26.97
CA GLY A 7 -0.73 10.17 27.00
C GLY A 7 -1.59 9.87 25.81
N THR A 8 -2.72 10.58 25.74
CA THR A 8 -3.64 10.54 24.62
C THR A 8 -3.55 11.89 23.93
N TRP A 9 -3.32 11.87 22.63
CA TRP A 9 -2.99 13.05 21.88
C TRP A 9 -3.94 13.17 20.70
N GLU A 10 -4.52 14.35 20.51
CA GLU A 10 -5.52 14.56 19.48
C GLU A 10 -4.94 15.47 18.39
N MET A 11 -5.09 15.04 17.14
CA MET A 11 -4.50 15.75 16.02
C MET A 11 -5.10 17.15 15.89
N GLU A 12 -4.23 18.14 15.72
CA GLU A 12 -4.68 19.49 15.39
C GLU A 12 -4.23 19.97 14.02
N SER A 13 -3.22 19.36 13.41
CA SER A 13 -2.85 19.70 12.05
C SER A 13 -2.20 18.49 11.41
N ASN A 14 -2.23 18.47 10.08
CA ASN A 14 -1.82 17.31 9.30
C ASN A 14 -1.42 17.89 7.94
N GLU A 15 -0.16 18.26 7.82
CA GLU A 15 0.37 18.88 6.62
C GLU A 15 0.93 17.84 5.66
N ASN A 16 0.45 17.86 4.43
CA ASN A 16 0.95 16.98 3.36
C ASN A 16 0.74 15.50 3.64
N PHE A 17 -0.30 15.15 4.38
CA PHE A 17 -0.68 13.75 4.49
C PHE A 17 -1.03 13.18 3.11
N GLU A 18 -1.62 14.02 2.24
CA GLU A 18 -1.91 13.61 0.87
C GLU A 18 -0.65 13.14 0.15
N GLY A 19 0.41 13.94 0.20
CA GLY A 19 1.62 13.59 -0.52
C GLY A 19 2.30 12.37 0.04
N TYR A 20 2.33 12.25 1.37
CA TYR A 20 2.89 11.08 2.01
C TYR A 20 2.13 9.83 1.59
N MET A 21 0.79 9.87 1.61
CA MET A 21 0.01 8.72 1.18
C MET A 21 0.25 8.39 -0.28
N LYS A 22 0.32 9.40 -1.13
CA LYS A 22 0.59 9.11 -2.53
C LYS A 22 1.94 8.47 -2.73
N ALA A 23 2.95 8.90 -1.95
CA ALA A 23 4.27 8.28 -2.02
C ALA A 23 4.23 6.81 -1.59
N LEU A 24 3.31 6.43 -0.71
CA LEU A 24 3.10 5.05 -0.31
C LEU A 24 2.21 4.27 -1.26
N ASP A 25 1.77 4.90 -2.35
CA ASP A 25 0.93 4.24 -3.35
C ASP A 25 -0.46 3.94 -2.85
N ILE A 26 -0.95 4.69 -1.87
CA ILE A 26 -2.33 4.55 -1.45
C ILE A 26 -3.24 5.03 -2.58
N ASP A 27 -4.24 4.23 -2.92
CA ASP A 27 -5.10 4.60 -4.03
C ASP A 27 -5.95 5.83 -3.69
N PHE A 28 -6.48 6.46 -4.75
CA PHE A 28 -7.18 7.74 -4.66
C PHE A 28 -8.39 7.67 -3.74
N ALA A 29 -9.18 6.61 -3.87
CA ALA A 29 -10.40 6.50 -3.07
C ALA A 29 -10.05 6.42 -1.59
N THR A 30 -9.02 5.65 -1.24
CA THR A 30 -8.61 5.56 0.15
C THR A 30 -8.08 6.90 0.65
N ARG A 31 -7.27 7.57 -0.16
CA ARG A 31 -6.77 8.89 0.24
C ARG A 31 -7.92 9.87 0.47
N LYS A 32 -8.98 9.78 -0.35
CA LYS A 32 -10.07 10.76 -0.28
C LYS A 32 -10.73 10.74 1.09
N ILE A 33 -10.88 9.56 1.67
CA ILE A 33 -11.43 9.44 3.01
C ILE A 33 -10.37 9.81 4.04
N ALA A 34 -9.17 9.26 3.88
CA ALA A 34 -8.16 9.32 4.92
C ALA A 34 -7.74 10.75 5.21
N VAL A 35 -7.69 11.59 4.18
CA VAL A 35 -7.18 12.94 4.36
C VAL A 35 -8.12 13.79 5.21
N ARG A 36 -9.40 13.39 5.31
CA ARG A 36 -10.40 14.17 6.05
C ARG A 36 -10.37 13.94 7.54
N LEU A 37 -9.65 12.93 8.01
CA LEU A 37 -9.88 12.41 9.35
C LEU A 37 -8.99 13.06 10.39
N THR A 38 -9.57 13.25 11.57
CA THR A 38 -8.80 13.58 12.77
C THR A 38 -8.30 12.29 13.40
N GLN A 39 -6.99 12.22 13.62
CA GLN A 39 -6.39 11.05 14.22
C GLN A 39 -6.15 11.29 15.70
N THR A 40 -6.18 10.21 16.47
CA THR A 40 -5.82 10.23 17.88
C THR A 40 -4.67 9.27 18.09
N LYS A 41 -3.73 9.64 18.95
CA LYS A 41 -2.58 8.80 19.24
C LYS A 41 -2.57 8.54 20.74
N VAL A 42 -2.57 7.26 21.11
CA VAL A 42 -2.45 6.85 22.50
C VAL A 42 -1.09 6.18 22.66
N ILE A 43 -0.29 6.70 23.57
CA ILE A 43 1.05 6.19 23.82
C ILE A 43 1.10 5.71 25.25
N ASP A 44 1.43 4.44 25.43
CA ASP A 44 1.67 3.81 26.73
C ASP A 44 3.15 3.44 26.74
N GLN A 45 3.93 4.18 27.52
CA GLN A 45 5.37 4.11 27.47
C GLN A 45 5.92 3.81 28.85
N ASP A 46 6.78 2.80 28.93
CA ASP A 46 7.49 2.44 30.16
C ASP A 46 8.97 2.47 29.80
N GLY A 47 9.60 3.61 30.06
CA GLY A 47 11.00 3.78 29.68
C GLY A 47 11.18 3.73 28.17
N ASP A 48 11.90 2.72 27.69
CA ASP A 48 12.13 2.53 26.27
C ASP A 48 11.11 1.57 25.64
N ASN A 49 10.13 1.08 26.39
CA ASN A 49 9.10 0.19 25.89
C ASN A 49 7.85 0.99 25.54
N PHE A 50 7.46 0.96 24.27
CA PHE A 50 6.33 1.72 23.78
C PHE A 50 5.23 0.79 23.27
N LYS A 51 4.00 1.13 23.61
CA LYS A 51 2.82 0.57 22.98
C LYS A 51 2.01 1.74 22.45
N THR A 52 1.81 1.78 21.14
CA THR A 52 1.16 2.93 20.52
C THR A 52 -0.04 2.49 19.70
N LYS A 53 -1.07 3.31 19.74
CA LYS A 53 -2.28 3.11 18.97
C LYS A 53 -2.60 4.42 18.27
N THR A 54 -2.80 4.38 16.97
CA THR A 54 -3.23 5.53 16.20
C THR A 54 -4.61 5.20 15.65
N THR A 55 -5.60 6.02 15.99
CA THR A 55 -6.99 5.69 15.72
C THR A 55 -7.70 6.78 14.93
N SER A 56 -8.70 6.34 14.19
CA SER A 56 -9.58 7.20 13.41
C SER A 56 -10.84 6.40 13.16
N THR A 57 -11.84 7.05 12.56
CA THR A 57 -13.09 6.36 12.25
C THR A 57 -12.96 5.36 11.11
N PHE A 58 -11.87 5.41 10.35
CA PHE A 58 -11.69 4.66 9.10
C PHE A 58 -10.62 3.58 9.19
N ARG A 59 -9.56 3.80 9.95
CA ARG A 59 -8.48 2.85 10.12
C ARG A 59 -7.92 3.06 11.51
N ASN A 60 -7.43 1.98 12.11
CA ASN A 60 -6.65 2.04 13.33
C ASN A 60 -5.36 1.27 13.09
N TYR A 61 -4.31 1.69 13.77
CA TYR A 61 -3.00 1.08 13.59
C TYR A 61 -2.24 1.05 14.89
N ASP A 62 -1.84 -0.14 15.32
CA ASP A 62 -1.09 -0.34 16.54
C ASP A 62 0.33 -0.72 16.18
N VAL A 63 1.31 -0.17 16.90
CA VAL A 63 2.68 -0.61 16.76
C VAL A 63 3.36 -0.49 18.11
N ASP A 64 4.02 -1.57 18.51
CA ASP A 64 4.71 -1.68 19.79
C ASP A 64 6.17 -1.94 19.50
N PHE A 65 7.06 -1.37 20.32
CA PHE A 65 8.48 -1.52 20.07
C PHE A 65 9.26 -1.17 21.33
N THR A 66 10.50 -1.63 21.36
CA THR A 66 11.47 -1.19 22.34
C THR A 66 12.53 -0.39 21.61
N VAL A 67 12.84 0.80 22.12
CA VAL A 67 13.87 1.60 21.48
C VAL A 67 15.15 0.78 21.44
N GLY A 68 15.78 0.76 20.27
CA GLY A 68 17.03 0.06 20.10
C GLY A 68 16.91 -1.37 19.61
N VAL A 69 15.69 -1.90 19.46
CA VAL A 69 15.48 -3.30 19.12
C VAL A 69 14.75 -3.38 17.77
N GLU A 70 15.45 -3.83 16.74
CA GLU A 70 14.84 -3.94 15.43
C GLU A 70 13.68 -4.92 15.48
N PHE A 71 12.62 -4.60 14.73
CA PHE A 71 11.44 -5.46 14.71
C PHE A 71 10.85 -5.51 13.30
N ASP A 72 10.07 -6.55 13.07
CA ASP A 72 9.31 -6.68 11.83
C ASP A 72 8.02 -5.89 11.99
N GLU A 73 7.78 -4.97 11.06
CA GLU A 73 6.57 -4.16 11.06
C GLU A 73 5.80 -4.43 9.78
N TYR A 74 4.53 -4.79 9.94
CA TYR A 74 3.59 -4.95 8.85
C TYR A 74 2.53 -3.87 8.98
N THR A 75 2.47 -2.97 8.00
CA THR A 75 1.62 -1.78 8.10
C THR A 75 0.17 -2.13 7.70
N LYS A 76 -0.38 -3.08 8.44
N LYS A 76 -0.36 -3.09 8.44
CA LYS A 76 -1.68 -3.65 8.13
CA LYS A 76 -1.69 -3.63 8.22
C LYS A 76 -2.77 -2.59 8.13
C LYS A 76 -2.70 -2.52 8.06
N SER A 77 -3.55 -2.57 7.05
N SER A 77 -3.49 -2.61 6.99
CA SER A 77 -4.66 -1.65 6.80
CA SER A 77 -4.63 -1.75 6.68
C SER A 77 -4.20 -0.25 6.44
C SER A 77 -4.19 -0.36 6.21
N LEU A 78 -2.90 -0.03 6.29
CA LEU A 78 -2.38 1.23 5.80
C LEU A 78 -1.94 1.00 4.36
N ASP A 79 -0.64 0.91 4.10
CA ASP A 79 -0.17 0.47 2.79
C ASP A 79 0.14 -1.03 2.75
N ASN A 80 0.03 -1.74 3.86
CA ASN A 80 0.14 -3.20 3.87
C ASN A 80 1.48 -3.68 3.34
N ARG A 81 2.55 -3.07 3.84
CA ARG A 81 3.90 -3.48 3.52
C ARG A 81 4.62 -4.04 4.74
N HIS A 82 5.63 -4.85 4.45
CA HIS A 82 6.54 -5.39 5.46
C HIS A 82 7.84 -4.63 5.40
N VAL A 83 8.28 -4.14 6.56
CA VAL A 83 9.53 -3.43 6.70
C VAL A 83 10.26 -3.97 7.93
N LYS A 84 11.56 -3.72 7.96
CA LYS A 84 12.35 -3.87 9.18
C LYS A 84 12.43 -2.49 9.78
N ALA A 85 11.94 -2.35 11.01
CA ALA A 85 11.85 -1.08 11.68
C ALA A 85 12.82 -1.04 12.85
N LEU A 86 13.45 0.10 13.04
CA LEU A 86 14.31 0.35 14.20
C LEU A 86 14.01 1.74 14.71
N VAL A 87 13.70 1.85 15.99
CA VAL A 87 13.48 3.12 16.65
C VAL A 87 14.68 3.37 17.54
N THR A 88 15.22 4.58 17.46
CA THR A 88 16.34 5.01 18.28
C THR A 88 16.01 6.39 18.85
N TRP A 89 16.77 6.78 19.87
CA TRP A 89 16.71 8.15 20.37
C TRP A 89 17.81 8.97 19.70
N GLU A 90 17.45 10.14 19.20
CA GLU A 90 18.41 11.18 18.85
C GLU A 90 18.08 12.34 19.77
N GLY A 91 18.85 12.47 20.84
CA GLY A 91 18.47 13.38 21.90
C GLY A 91 17.18 12.86 22.50
N ASP A 92 16.15 13.71 22.52
CA ASP A 92 14.84 13.32 23.00
C ASP A 92 13.84 13.14 21.85
N VAL A 93 14.33 12.99 20.64
CA VAL A 93 13.51 12.72 19.47
C VAL A 93 13.53 11.23 19.20
N LEU A 94 12.36 10.65 19.06
CA LEU A 94 12.23 9.25 18.70
C LEU A 94 12.31 9.15 17.18
N VAL A 95 13.27 8.39 16.67
CA VAL A 95 13.54 8.28 15.24
C VAL A 95 13.33 6.84 14.80
N CYS A 96 12.50 6.64 13.80
CA CYS A 96 12.25 5.32 13.26
C CYS A 96 12.68 5.27 11.81
N VAL A 97 13.49 4.26 11.48
CA VAL A 97 13.82 3.92 10.10
C VAL A 97 13.05 2.65 9.74
N GLN A 98 12.30 2.71 8.65
CA GLN A 98 11.51 1.59 8.14
C GLN A 98 12.15 1.13 6.83
N LYS A 99 13.06 0.16 6.92
CA LYS A 99 13.79 -0.30 5.76
C LYS A 99 12.98 -1.33 5.00
N GLY A 100 12.81 -1.09 3.71
CA GLY A 100 12.01 -1.97 2.89
C GLY A 100 12.02 -1.46 1.46
N GLU A 101 10.92 -1.64 0.76
CA GLU A 101 10.93 -1.35 -0.66
C GLU A 101 10.80 0.13 -0.97
N LYS A 102 10.31 0.94 -0.04
CA LYS A 102 10.27 2.38 -0.24
C LYS A 102 11.54 3.02 0.32
N GLU A 103 12.18 3.82 -0.50
CA GLU A 103 13.37 4.54 -0.07
C GLU A 103 12.99 5.67 0.89
N ASN A 104 13.88 5.91 1.85
CA ASN A 104 13.76 7.07 2.74
C ASN A 104 12.41 7.08 3.46
N ARG A 105 12.08 5.95 4.07
CA ARG A 105 10.83 5.78 4.79
C ARG A 105 11.11 5.71 6.28
N GLY A 106 10.42 6.54 7.04
CA GLY A 106 10.56 6.51 8.49
C GLY A 106 9.71 7.60 9.11
N TRP A 107 9.98 7.83 10.39
CA TRP A 107 9.25 8.87 11.09
C TRP A 107 10.09 9.36 12.26
N LYS A 108 9.74 10.56 12.74
CA LYS A 108 10.36 11.16 13.92
C LYS A 108 9.26 11.75 14.78
N GLN A 109 9.34 11.55 16.09
CA GLN A 109 8.27 11.92 17.00
C GLN A 109 8.87 12.50 18.27
N TRP A 110 8.37 13.65 18.69
CA TRP A 110 8.96 14.29 19.85
C TRP A 110 7.94 15.23 20.49
N ILE A 111 8.24 15.59 21.73
CA ILE A 111 7.43 16.48 22.55
C ILE A 111 8.05 17.87 22.51
N GLU A 112 7.21 18.88 22.34
CA GLU A 112 7.64 20.26 22.51
C GLU A 112 6.50 21.02 23.18
N GLY A 113 6.76 21.58 24.35
CA GLY A 113 5.66 22.19 25.09
C GLY A 113 4.60 21.15 25.42
N ASP A 114 3.35 21.47 25.11
CA ASP A 114 2.23 20.56 25.35
C ASP A 114 1.78 19.86 24.07
N LYS A 115 2.65 19.81 23.06
CA LYS A 115 2.31 19.22 21.79
C LYS A 115 3.23 18.04 21.49
N LEU A 116 2.66 17.06 20.79
N LEU A 116 2.68 17.08 20.75
CA LEU A 116 3.42 15.98 20.20
CA LEU A 116 3.43 15.96 20.20
C LEU A 116 3.55 16.28 18.71
C LEU A 116 3.53 16.17 18.70
N TYR A 117 4.76 16.17 18.19
CA TYR A 117 5.04 16.38 16.79
C TYR A 117 5.43 15.05 16.18
N LEU A 118 4.89 14.76 15.01
CA LEU A 118 5.21 13.53 14.28
C LEU A 118 5.46 13.91 12.82
N GLU A 119 6.66 13.61 12.35
N GLU A 119 6.67 13.65 12.34
CA GLU A 119 7.07 13.84 10.97
CA GLU A 119 7.00 13.87 10.94
C GLU A 119 7.18 12.48 10.31
C GLU A 119 7.19 12.51 10.28
N LEU A 120 6.35 12.23 9.29
CA LEU A 120 6.35 10.97 8.55
C LEU A 120 6.97 11.23 7.18
N THR A 121 7.93 10.39 6.79
N THR A 121 7.95 10.42 6.81
CA THR A 121 8.61 10.58 5.53
CA THR A 121 8.66 10.58 5.55
C THR A 121 8.54 9.32 4.68
C THR A 121 8.54 9.33 4.69
N CYS A 122 8.34 9.54 3.39
CA CYS A 122 8.49 8.47 2.41
C CYS A 122 9.01 9.11 1.14
N GLY A 123 10.18 8.68 0.69
CA GLY A 123 10.71 9.25 -0.54
C GLY A 123 10.94 10.74 -0.36
N ASP A 124 10.43 11.53 -1.29
CA ASP A 124 10.59 12.97 -1.23
C ASP A 124 9.41 13.68 -0.55
N GLN A 125 8.57 12.95 0.17
CA GLN A 125 7.39 13.52 0.80
C GLN A 125 7.50 13.45 2.32
N VAL A 126 7.23 14.57 2.96
CA VAL A 126 7.22 14.68 4.40
C VAL A 126 5.85 15.17 4.83
N CYS A 127 5.24 14.48 5.76
CA CYS A 127 3.98 14.88 6.36
C CYS A 127 4.29 15.31 7.78
N ARG A 128 3.77 16.45 8.19
CA ARG A 128 4.03 17.00 9.51
C ARG A 128 2.71 17.04 10.27
N GLN A 129 2.63 16.28 11.34
CA GLN A 129 1.44 16.23 12.18
C GLN A 129 1.75 16.83 13.55
N VAL A 130 0.76 17.51 14.11
CA VAL A 130 0.85 18.06 15.46
C VAL A 130 -0.36 17.59 16.24
N PHE A 131 -0.13 17.13 17.46
CA PHE A 131 -1.18 16.64 18.35
C PHE A 131 -1.14 17.41 19.65
N LYS A 132 -2.32 17.69 20.20
CA LYS A 132 -2.46 18.36 21.47
C LYS A 132 -2.86 17.32 22.50
N LYS A 133 -2.28 17.43 23.68
CA LYS A 133 -2.55 16.45 24.71
C LYS A 133 -3.99 16.58 25.18
N LYS A 134 -4.63 15.44 25.34
CA LYS A 134 -5.95 15.39 25.95
C LYS A 134 -5.83 15.38 27.46
N LEU A 135 -6.74 16.11 28.12
CA LEU A 135 -6.76 16.17 29.58
C LEU A 135 -7.40 14.92 30.18
N MET B 1 -6.44 11.64 -13.22
CA MET B 1 -7.12 10.35 -13.14
C MET B 1 -8.10 10.20 -14.29
N THR B 2 -8.34 8.96 -14.71
CA THR B 2 -9.34 8.67 -15.74
C THR B 2 -9.75 7.22 -15.61
N ARG B 3 -10.99 6.93 -16.00
CA ARG B 3 -11.46 5.55 -16.09
C ARG B 3 -11.05 4.86 -17.39
N ASP B 4 -10.50 5.60 -18.35
CA ASP B 4 -10.18 5.01 -19.65
C ASP B 4 -8.83 4.32 -19.54
N GLN B 5 -8.86 2.99 -19.51
CA GLN B 5 -7.66 2.18 -19.39
C GLN B 5 -7.25 1.55 -20.72
N ASN B 6 -7.90 1.94 -21.81
CA ASN B 6 -7.58 1.39 -23.12
C ASN B 6 -6.11 1.60 -23.44
N GLY B 7 -5.49 0.57 -23.98
CA GLY B 7 -4.18 0.70 -24.55
C GLY B 7 -3.31 -0.50 -24.27
N THR B 8 -2.05 -0.33 -24.68
CA THR B 8 -1.00 -1.29 -24.43
C THR B 8 -0.04 -0.64 -23.44
N TRP B 9 0.25 -1.36 -22.36
CA TRP B 9 0.97 -0.80 -21.22
C TRP B 9 2.11 -1.73 -20.88
N GLU B 10 3.32 -1.19 -20.78
CA GLU B 10 4.52 -1.99 -20.59
C GLU B 10 5.10 -1.75 -19.20
N MET B 11 5.42 -2.84 -18.51
CA MET B 11 5.85 -2.74 -17.13
C MET B 11 7.14 -1.95 -17.00
N GLU B 12 7.19 -1.04 -16.04
CA GLU B 12 8.41 -0.37 -15.67
C GLU B 12 8.89 -0.68 -14.26
N SER B 13 8.02 -1.15 -13.37
CA SER B 13 8.48 -1.56 -12.05
C SER B 13 7.53 -2.60 -11.50
N ASN B 14 8.05 -3.38 -10.55
CA ASN B 14 7.37 -4.55 -10.06
C ASN B 14 7.91 -4.79 -8.65
N GLU B 15 7.20 -4.29 -7.65
CA GLU B 15 7.59 -4.36 -6.25
C GLU B 15 6.88 -5.52 -5.56
N ASN B 16 7.66 -6.41 -4.94
CA ASN B 16 7.14 -7.51 -4.14
C ASN B 16 6.28 -8.49 -4.92
N PHE B 17 6.59 -8.65 -6.21
CA PHE B 17 5.92 -9.71 -6.97
C PHE B 17 6.24 -11.07 -6.38
N GLU B 18 7.46 -11.26 -5.87
CA GLU B 18 7.81 -12.55 -5.28
C GLU B 18 6.96 -12.84 -4.04
N GLY B 19 6.68 -11.81 -3.22
CA GLY B 19 5.85 -12.05 -2.05
C GLY B 19 4.42 -12.40 -2.43
N TYR B 20 3.86 -11.69 -3.41
CA TYR B 20 2.54 -12.02 -3.92
C TYR B 20 2.50 -13.44 -4.48
N MET B 21 3.50 -13.81 -5.29
CA MET B 21 3.54 -15.17 -5.83
C MET B 21 3.65 -16.20 -4.73
N LYS B 22 4.50 -15.96 -3.73
CA LYS B 22 4.66 -16.91 -2.65
C LYS B 22 3.37 -17.09 -1.88
N ALA B 23 2.62 -15.99 -1.69
CA ALA B 23 1.33 -16.06 -1.02
C ALA B 23 0.34 -16.92 -1.80
N LEU B 24 0.47 -16.95 -3.13
CA LEU B 24 -0.35 -17.81 -3.98
C LEU B 24 0.20 -19.23 -4.11
N ASP B 25 1.29 -19.53 -3.41
CA ASP B 25 1.91 -20.85 -3.42
C ASP B 25 2.58 -21.20 -4.74
N ILE B 26 2.97 -20.21 -5.52
CA ILE B 26 3.75 -20.46 -6.73
C ILE B 26 5.11 -21.02 -6.29
N ASP B 27 5.54 -22.08 -6.95
CA ASP B 27 6.76 -22.74 -6.49
C ASP B 27 8.00 -21.90 -6.78
N PHE B 28 9.08 -22.26 -6.09
CA PHE B 28 10.30 -21.48 -6.16
C PHE B 28 10.84 -21.40 -7.59
N ALA B 29 10.86 -22.53 -8.30
CA ALA B 29 11.43 -22.51 -9.65
C ALA B 29 10.69 -21.53 -10.53
N THR B 30 9.36 -21.48 -10.41
CA THR B 30 8.58 -20.55 -11.20
C THR B 30 8.81 -19.11 -10.76
N ARG B 31 8.85 -18.86 -9.44
CA ARG B 31 9.10 -17.50 -8.95
C ARG B 31 10.43 -16.96 -9.43
N LYS B 32 11.46 -17.82 -9.44
CA LYS B 32 12.81 -17.39 -9.79
C LYS B 32 12.86 -16.82 -11.20
N ILE B 33 12.13 -17.45 -12.12
CA ILE B 33 12.03 -16.96 -13.50
C ILE B 33 11.10 -15.74 -13.55
N ALA B 34 9.93 -15.87 -12.93
CA ALA B 34 8.85 -14.90 -13.09
C ALA B 34 9.22 -13.52 -12.55
N VAL B 35 10.01 -13.44 -11.49
CA VAL B 35 10.26 -12.15 -10.87
C VAL B 35 11.01 -11.21 -11.80
N ARG B 36 11.76 -11.76 -12.76
N ARG B 36 11.78 -11.74 -12.75
CA ARG B 36 12.60 -11.00 -13.65
CA ARG B 36 12.57 -10.88 -13.63
C ARG B 36 11.95 -10.71 -15.00
C ARG B 36 11.79 -10.37 -14.85
N LEU B 37 10.66 -10.97 -15.16
CA LEU B 37 10.01 -10.77 -16.45
C LEU B 37 9.37 -9.41 -16.53
N THR B 38 9.46 -8.81 -17.71
CA THR B 38 8.66 -7.63 -18.02
C THR B 38 7.31 -8.07 -18.56
N GLN B 39 6.25 -7.57 -17.97
CA GLN B 39 4.89 -7.88 -18.38
C GLN B 39 4.32 -6.75 -19.22
N THR B 40 3.38 -7.11 -20.09
CA THR B 40 2.61 -6.16 -20.87
C THR B 40 1.14 -6.39 -20.60
N LYS B 41 0.38 -5.30 -20.57
N LYS B 41 0.42 -5.29 -20.42
CA LYS B 41 -1.05 -5.34 -20.30
CA LYS B 41 -1.04 -5.28 -20.33
C LYS B 41 -1.75 -4.68 -21.47
C LYS B 41 -1.59 -4.75 -21.63
N VAL B 42 -2.56 -5.45 -22.20
CA VAL B 42 -3.35 -4.95 -23.32
C VAL B 42 -4.79 -4.93 -22.86
N ILE B 43 -5.39 -3.75 -22.87
CA ILE B 43 -6.74 -3.53 -22.36
C ILE B 43 -7.58 -2.99 -23.50
N ASP B 44 -8.66 -3.68 -23.80
CA ASP B 44 -9.68 -3.24 -24.75
C ASP B 44 -10.95 -3.03 -23.92
N GLN B 45 -11.32 -1.76 -23.73
CA GLN B 45 -12.37 -1.36 -22.81
C GLN B 45 -13.43 -0.56 -23.56
N ASP B 46 -14.67 -0.98 -23.41
CA ASP B 46 -15.82 -0.27 -23.96
C ASP B 46 -16.74 0.02 -22.78
N GLY B 47 -16.63 1.22 -22.23
CA GLY B 47 -17.41 1.59 -21.06
C GLY B 47 -17.00 0.76 -19.87
N ASP B 48 -17.93 -0.04 -19.36
CA ASP B 48 -17.67 -0.95 -18.25
C ASP B 48 -17.31 -2.37 -18.70
N ASN B 49 -17.19 -2.61 -20.01
CA ASN B 49 -16.84 -3.92 -20.54
C ASN B 49 -15.35 -3.97 -20.83
N PHE B 50 -14.64 -4.89 -20.19
CA PHE B 50 -13.19 -4.99 -20.31
C PHE B 50 -12.78 -6.33 -20.91
N LYS B 51 -11.81 -6.31 -21.81
CA LYS B 51 -11.08 -7.49 -22.24
C LYS B 51 -9.61 -7.20 -22.00
N THR B 52 -8.97 -8.01 -21.17
CA THR B 52 -7.59 -7.74 -20.77
C THR B 52 -6.70 -8.94 -21.06
N LYS B 53 -5.47 -8.64 -21.43
CA LYS B 53 -4.45 -9.65 -21.67
C LYS B 53 -3.20 -9.19 -20.94
N THR B 54 -2.63 -10.08 -20.14
CA THR B 54 -1.36 -9.82 -19.47
C THR B 54 -0.37 -10.83 -20.05
N THR B 55 0.68 -10.34 -20.66
CA THR B 55 1.56 -11.18 -21.46
C THR B 55 3.01 -11.04 -21.02
N SER B 56 3.77 -12.09 -21.30
CA SER B 56 5.19 -12.15 -21.00
C SER B 56 5.79 -13.27 -21.83
N THR B 57 7.11 -13.42 -21.72
CA THR B 57 7.79 -14.52 -22.40
C THR B 57 7.48 -15.88 -21.81
N PHE B 58 6.90 -15.96 -20.61
CA PHE B 58 6.79 -17.20 -19.85
C PHE B 58 5.35 -17.63 -19.61
N ARG B 59 4.44 -16.68 -19.43
CA ARG B 59 3.04 -16.95 -19.16
C ARG B 59 2.24 -15.82 -19.78
N ASN B 60 1.03 -16.17 -20.23
CA ASN B 60 0.08 -15.20 -20.71
C ASN B 60 -1.24 -15.47 -20.02
N TYR B 61 -2.00 -14.42 -19.72
CA TYR B 61 -3.21 -14.58 -18.94
C TYR B 61 -4.25 -13.56 -19.38
N ASP B 62 -5.40 -14.09 -19.79
CA ASP B 62 -6.50 -13.27 -20.25
C ASP B 62 -7.63 -13.30 -19.22
N VAL B 63 -8.22 -12.14 -18.98
CA VAL B 63 -9.44 -12.08 -18.17
C VAL B 63 -10.32 -10.96 -18.70
N ASP B 64 -11.58 -11.28 -18.91
CA ASP B 64 -12.59 -10.37 -19.43
C ASP B 64 -13.70 -10.26 -18.40
N PHE B 65 -14.30 -9.08 -18.30
CA PHE B 65 -15.34 -8.86 -17.29
C PHE B 65 -16.13 -7.61 -17.61
N THR B 66 -17.31 -7.51 -17.01
CA THR B 66 -18.09 -6.28 -16.98
C THR B 66 -18.13 -5.80 -15.53
N VAL B 67 -17.82 -4.51 -15.32
CA VAL B 67 -17.87 -3.96 -13.98
C VAL B 67 -19.26 -4.20 -13.40
N GLY B 68 -19.30 -4.72 -12.18
CA GLY B 68 -20.54 -4.94 -11.47
C GLY B 68 -21.15 -6.31 -11.66
N VAL B 69 -20.56 -7.16 -12.50
CA VAL B 69 -21.12 -8.46 -12.84
C VAL B 69 -20.16 -9.53 -12.34
N GLU B 70 -20.58 -10.28 -11.33
CA GLU B 70 -19.73 -11.33 -10.78
C GLU B 70 -19.45 -12.39 -11.84
N PHE B 71 -18.23 -12.91 -11.86
CA PHE B 71 -17.86 -13.89 -12.87
C PHE B 71 -16.92 -14.95 -12.30
N ASP B 72 -16.93 -16.11 -12.94
CA ASP B 72 -15.95 -17.16 -12.63
C ASP B 72 -14.62 -16.76 -13.22
N GLU B 73 -13.57 -16.90 -12.44
CA GLU B 73 -12.20 -16.72 -12.92
C GLU B 73 -11.43 -17.97 -12.56
N TYR B 74 -10.79 -18.59 -13.55
CA TYR B 74 -9.90 -19.72 -13.31
C TYR B 74 -8.51 -19.25 -13.73
N THR B 75 -7.58 -19.20 -12.78
CA THR B 75 -6.28 -18.59 -13.00
C THR B 75 -5.31 -19.57 -13.68
N LYS B 76 -5.73 -19.99 -14.86
CA LYS B 76 -5.04 -21.00 -15.65
C LYS B 76 -3.59 -20.60 -15.93
N SER B 77 -2.67 -21.51 -15.62
CA SER B 77 -1.23 -21.39 -15.83
C SER B 77 -0.58 -20.50 -14.76
N LEU B 78 -1.37 -19.90 -13.87
CA LEU B 78 -0.83 -19.12 -12.77
C LEU B 78 -0.82 -20.02 -11.52
N ASP B 79 -1.75 -19.82 -10.59
CA ASP B 79 -1.95 -20.76 -9.48
C ASP B 79 -3.06 -21.77 -9.74
N ASN B 80 -3.76 -21.68 -10.87
CA ASN B 80 -4.74 -22.69 -11.28
C ASN B 80 -5.82 -22.91 -10.21
N ARG B 81 -6.40 -21.81 -9.75
CA ARG B 81 -7.50 -21.84 -8.81
C ARG B 81 -8.74 -21.20 -9.40
N HIS B 82 -9.91 -21.66 -8.95
CA HIS B 82 -11.19 -21.01 -9.24
C HIS B 82 -11.48 -19.98 -8.17
N VAL B 83 -11.84 -18.78 -8.59
CA VAL B 83 -12.36 -17.76 -7.69
C VAL B 83 -13.63 -17.19 -8.31
N LYS B 84 -14.48 -16.60 -7.46
CA LYS B 84 -15.59 -15.79 -7.91
C LYS B 84 -15.16 -14.34 -7.80
N ALA B 85 -15.05 -13.67 -8.93
CA ALA B 85 -14.51 -12.33 -9.00
C ALA B 85 -15.60 -11.30 -9.23
N LEU B 86 -15.42 -10.13 -8.64
CA LEU B 86 -16.32 -9.00 -8.85
C LEU B 86 -15.48 -7.75 -8.97
N VAL B 87 -15.66 -7.01 -10.06
CA VAL B 87 -14.96 -5.75 -10.28
C VAL B 87 -15.95 -4.62 -10.10
N THR B 88 -15.54 -3.59 -9.36
CA THR B 88 -16.33 -2.39 -9.12
C THR B 88 -15.46 -1.17 -9.35
N TRP B 89 -16.10 -0.01 -9.53
CA TRP B 89 -15.40 1.28 -9.51
C TRP B 89 -15.49 1.90 -8.13
N GLU B 90 -14.35 2.37 -7.61
CA GLU B 90 -14.33 3.28 -6.48
C GLU B 90 -13.70 4.56 -7.03
N GLY B 91 -14.52 5.52 -7.37
CA GLY B 91 -14.03 6.67 -8.11
C GLY B 91 -13.53 6.20 -9.46
N ASP B 92 -12.28 6.51 -9.77
CA ASP B 92 -11.65 6.05 -11.00
C ASP B 92 -10.69 4.88 -10.73
N VAL B 93 -10.82 4.23 -9.58
CA VAL B 93 -10.03 3.04 -9.25
C VAL B 93 -10.86 1.81 -9.55
N LEU B 94 -10.31 0.91 -10.37
CA LEU B 94 -10.95 -0.35 -10.66
C LEU B 94 -10.57 -1.35 -9.56
N VAL B 95 -11.56 -1.90 -8.87
CA VAL B 95 -11.34 -2.74 -7.69
C VAL B 95 -11.90 -4.13 -7.96
N CYS B 96 -11.07 -5.15 -7.77
CA CYS B 96 -11.49 -6.53 -7.93
C CYS B 96 -11.31 -7.29 -6.62
N VAL B 97 -12.36 -7.99 -6.21
CA VAL B 97 -12.30 -8.96 -5.10
C VAL B 97 -12.43 -10.34 -5.71
N GLN B 98 -11.48 -11.22 -5.39
CA GLN B 98 -11.45 -12.60 -5.89
C GLN B 98 -11.75 -13.53 -4.72
N LYS B 99 -13.01 -13.93 -4.59
CA LYS B 99 -13.43 -14.76 -3.46
C LYS B 99 -13.09 -16.22 -3.75
N GLY B 100 -12.39 -16.85 -2.81
CA GLY B 100 -11.96 -18.21 -3.00
C GLY B 100 -11.15 -18.71 -1.83
N GLU B 101 -10.24 -19.65 -2.10
CA GLU B 101 -9.51 -20.31 -1.02
C GLU B 101 -8.62 -19.32 -0.27
N LYS B 102 -7.97 -18.40 -0.98
CA LYS B 102 -7.07 -17.45 -0.35
C LYS B 102 -7.85 -16.27 0.21
N GLU B 103 -7.61 -15.95 1.47
CA GLU B 103 -8.22 -14.78 2.08
C GLU B 103 -7.55 -13.51 1.56
N ASN B 104 -8.33 -12.45 1.46
CA ASN B 104 -7.84 -11.13 1.11
C ASN B 104 -7.10 -11.17 -0.22
N ARG B 105 -7.76 -11.72 -1.24
CA ARG B 105 -7.22 -11.81 -2.59
C ARG B 105 -7.99 -10.87 -3.50
N GLY B 106 -7.26 -10.01 -4.20
CA GLY B 106 -7.88 -9.09 -5.12
C GLY B 106 -6.85 -8.18 -5.74
N TRP B 107 -7.33 -7.14 -6.42
CA TRP B 107 -6.43 -6.20 -7.05
C TRP B 107 -7.15 -4.88 -7.23
N LYS B 108 -6.36 -3.83 -7.43
CA LYS B 108 -6.84 -2.49 -7.73
C LYS B 108 -5.99 -1.93 -8.85
N GLN B 109 -6.62 -1.27 -9.81
CA GLN B 109 -5.93 -0.81 -11.00
C GLN B 109 -6.45 0.57 -11.39
N TRP B 110 -5.53 1.49 -11.66
CA TRP B 110 -5.95 2.85 -12.01
C TRP B 110 -4.93 3.52 -12.91
N ILE B 111 -5.39 4.58 -13.59
CA ILE B 111 -4.61 5.32 -14.56
C ILE B 111 -4.31 6.70 -14.01
N GLU B 112 -3.08 7.15 -14.19
CA GLU B 112 -2.75 8.57 -14.01
C GLU B 112 -1.77 8.97 -15.10
N GLY B 113 -2.16 9.94 -15.90
CA GLY B 113 -1.32 10.30 -17.03
C GLY B 113 -1.14 9.12 -17.95
N ASP B 114 0.10 8.84 -18.32
CA ASP B 114 0.38 7.72 -19.20
C ASP B 114 0.89 6.50 -18.44
N LYS B 115 0.53 6.38 -17.16
CA LYS B 115 0.90 5.26 -16.31
C LYS B 115 -0.33 4.51 -15.81
N LEU B 116 -0.22 3.20 -15.77
CA LEU B 116 -1.21 2.31 -15.18
C LEU B 116 -0.59 1.71 -13.92
N TYR B 117 -1.30 1.81 -12.82
CA TYR B 117 -0.88 1.31 -11.52
C TYR B 117 -1.73 0.10 -11.17
N LEU B 118 -1.07 -0.96 -10.75
CA LEU B 118 -1.75 -2.20 -10.39
C LEU B 118 -1.25 -2.66 -9.04
N GLU B 119 -2.16 -2.81 -8.09
CA GLU B 119 -1.90 -3.28 -6.73
C GLU B 119 -2.50 -4.67 -6.62
N LEU B 120 -1.64 -5.69 -6.52
CA LEU B 120 -2.06 -7.09 -6.43
C LEU B 120 -1.93 -7.55 -4.98
N THR B 121 -3.00 -8.05 -4.40
CA THR B 121 -3.03 -8.42 -2.99
C THR B 121 -3.39 -9.89 -2.84
N CYS B 122 -2.65 -10.58 -2.00
CA CYS B 122 -3.05 -11.91 -1.54
C CYS B 122 -2.58 -12.04 -0.10
N GLY B 123 -3.52 -12.18 0.82
CA GLY B 123 -3.14 -12.37 2.21
C GLY B 123 -2.38 -11.17 2.72
N ASP B 124 -1.22 -11.41 3.32
CA ASP B 124 -0.42 -10.32 3.87
C ASP B 124 0.62 -9.79 2.89
N GLN B 125 0.51 -10.12 1.61
CA GLN B 125 1.48 -9.68 0.60
C GLN B 125 0.80 -8.83 -0.47
N VAL B 126 1.37 -7.67 -0.72
CA VAL B 126 0.88 -6.76 -1.73
C VAL B 126 2.01 -6.45 -2.69
N CYS B 127 1.73 -6.56 -3.98
CA CYS B 127 2.66 -6.23 -5.03
C CYS B 127 2.18 -4.96 -5.72
N ARG B 128 3.11 -4.05 -6.00
CA ARG B 128 2.81 -2.82 -6.72
C ARG B 128 3.51 -2.86 -8.07
N GLN B 129 2.74 -2.73 -9.15
CA GLN B 129 3.27 -2.69 -10.50
C GLN B 129 2.92 -1.34 -11.12
N VAL B 130 3.83 -0.85 -11.95
CA VAL B 130 3.61 0.38 -12.71
C VAL B 130 3.91 0.04 -14.18
N PHE B 131 3.01 0.45 -15.07
CA PHE B 131 3.16 0.23 -16.50
C PHE B 131 3.08 1.58 -17.20
N LYS B 132 3.87 1.76 -18.25
CA LYS B 132 3.85 2.96 -19.05
C LYS B 132 3.15 2.68 -20.37
N LYS B 133 2.28 3.60 -20.79
CA LYS B 133 1.53 3.42 -22.03
C LYS B 133 2.49 3.42 -23.21
N LYS B 134 2.35 2.42 -24.08
CA LYS B 134 3.12 2.33 -25.30
C LYS B 134 2.40 3.01 -26.45
N LEU B 135 3.16 3.72 -27.28
CA LEU B 135 2.60 4.33 -28.47
C LEU B 135 2.46 3.27 -29.55
N VAL B 136 1.22 2.92 -29.88
CA VAL B 136 0.93 1.85 -30.84
C VAL B 136 -0.04 2.38 -31.88
N PRO B 137 -0.07 1.74 -33.05
CA PRO B 137 -0.98 2.25 -34.10
C PRO B 137 -2.44 1.97 -33.80
N ARG B 138 -2.73 0.88 -33.09
CA ARG B 138 -4.09 0.39 -32.88
C ARG B 138 -5.02 0.64 -34.07
C10 VL7 C . 1.44 5.76 10.62
C13 VL7 C . -0.49 6.28 7.55
C15 VL7 C . -1.54 6.13 5.35
C17 VL7 C . -3.59 4.87 4.68
C20 VL7 C . -6.24 6.05 6.97
C21 VL7 C . -5.76 7.35 7.55
C22 VL7 C . -5.74 7.37 9.08
C24 VL7 C . -4.93 6.14 11.14
O01 VL7 C . 3.23 4.68 12.46
C02 VL7 C . 2.54 5.64 12.72
O03 VL7 C . 2.87 6.46 13.75
C04 VL7 C . 3.97 6.05 14.55
C05 VL7 C . 3.51 4.95 15.52
O06 VL7 C . 4.24 5.00 16.74
C07 VL7 C . 4.38 7.24 15.36
O08 VL7 C . 3.31 7.47 16.23
C09 VL7 C . 1.30 6.09 12.04
C11 VL7 C . 0.40 6.35 9.80
C12 VL7 C . 0.69 6.07 8.38
C14 VL7 C . -0.32 5.81 6.15
C16 VL7 C . -2.29 4.98 4.84
C18 VL7 C . -4.63 5.89 5.02
C19 VL7 C . -5.75 5.40 5.90
C23 VL7 C . -4.77 6.35 9.64
C25 VL7 C . -4.16 4.96 11.62
H2 VL7 C . 2.32 6.03 10.32
H1 VL7 C . 1.44 4.79 10.51
H3 VL7 C . -1.25 5.84 7.95
H4 VL7 C . -0.73 7.22 7.53
H5 VL7 C . -2.14 6.69 5.89
H6 VL7 C . -1.30 6.69 4.59
H7 VL7 C . -3.93 4.07 4.33
H10 VL7 C . -6.94 5.65 7.46
H11 VL7 C . -6.34 8.07 7.23
H12 VL7 C . -4.88 7.58 7.20
H13 VL7 C . -5.50 8.26 9.41
H14 VL7 C . -6.63 7.22 9.44
H16 VL7 C . -4.65 6.93 11.62
H15 VL7 C . -5.86 6.03 11.37
H17 VL7 C . 4.73 5.74 14.03
H18 VL7 C . 2.55 4.98 15.66
H19 VL7 C . 3.69 4.07 15.16
H20 VL7 C . 3.77 4.62 17.34
H22 VL7 C . 5.17 7.08 15.91
H21 VL7 C . 4.61 8.00 14.81
H23 VL7 C . 3.40 6.96 16.91
H25 VL7 C . 0.55 5.62 12.45
H24 VL7 C . 1.13 7.02 12.19
H27 VL7 C . 0.36 7.31 9.96
H26 VL7 C . -0.48 6.01 10.05
H29 VL7 C . 1.43 6.63 8.07
H28 VL7 C . 1.01 5.17 8.29
H31 VL7 C . 0.47 6.22 5.75
H30 VL7 C . -0.13 4.86 6.12
H32 VL7 C . -1.76 4.26 4.58
H35 VL7 C . -4.20 6.66 5.43
H34 VL7 C . -5.02 6.24 4.20
H36 VL7 C . -6.14 4.58 5.64
H38 VL7 C . -4.87 5.50 9.19
H39 VL7 C . -3.85 6.61 9.45
H40 VL7 C . -3.21 5.07 11.49
H41 VL7 C . -4.40 4.13 11.16
H42 VL7 C . -4.29 4.78 12.57
C10 VL7 D . -2.57 -11.50 -12.63
C13 VL7 D . 0.32 -13.54 -11.59
C15 VL7 D . 1.89 -15.24 -10.87
C17 VL7 D . 3.02 -17.12 -12.09
C20 VL7 D . 4.92 -15.56 -14.75
C21 VL7 D . 4.88 -14.09 -14.47
C22 VL7 D . 4.18 -13.33 -15.58
C24 VL7 D . 2.02 -12.89 -16.70
O01 VL7 D . -5.10 -10.49 -12.94
C02 VL7 D . -4.14 -9.85 -13.32
O03 VL7 D . -4.25 -8.52 -13.55
C04 VL7 D . -5.57 -7.99 -13.62
C05 VL7 D . -5.48 -6.50 -13.67
O06 VL7 D . -4.70 -6.18 -14.74
C07 VL7 D . -6.17 -8.52 -14.95
O08 VL7 D . -6.88 -7.45 -15.55
C09 VL7 D . -2.78 -10.40 -13.59
C11 VL7 D . -1.22 -12.06 -12.71
C12 VL7 D . -0.98 -12.92 -11.52
C14 VL7 D . 0.52 -14.68 -10.63
C16 VL7 D . 2.00 -16.62 -11.38
C18 VL7 D . 4.26 -16.40 -12.49
C19 VL7 D . 4.64 -16.56 -13.91
C23 VL7 D . 2.70 -13.53 -15.52
C25 VL7 D . 0.57 -13.30 -16.81
H2 VL7 D . -2.75 -11.18 -11.73
H1 VL7 D . -3.22 -12.19 -12.78
H3 VL7 D . 0.47 -13.85 -12.51
H4 VL7 D . 1.01 -12.88 -11.44
H5 VL7 D . 2.37 -14.64 -11.46
H6 VL7 D . 2.39 -15.20 -10.03
H7 VL7 D . 2.97 -18.01 -12.35
H10 VL7 D . 5.15 -15.77 -15.63
H11 VL7 D . 5.78 -13.76 -14.36
H12 VL7 D . 4.44 -13.91 -13.63
H13 VL7 D . 4.52 -13.62 -16.46
H14 VL7 D . 4.40 -12.39 -15.53
H16 VL7 D . 2.49 -13.11 -17.52
H15 VL7 D . 2.09 -11.92 -16.64
H17 VL7 D . -6.13 -8.27 -12.88
H18 VL7 D . -5.18 -6.11 -12.84
H19 VL7 D . -6.35 -6.10 -13.86
H20 VL7 D . -5.16 -6.26 -15.45
H22 VL7 D . -6.80 -9.24 -14.81
H21 VL7 D . -5.49 -8.90 -15.52
H23 VL7 D . -7.48 -7.79 -16.06
H25 VL7 D . -2.75 -10.70 -14.52
H24 VL7 D . -2.10 -9.70 -13.54
H27 VL7 D . -1.11 -12.57 -13.53
H26 VL7 D . -0.56 -11.36 -12.77
H29 VL7 D . -1.68 -13.59 -11.45
H28 VL7 D . -1.05 -12.38 -10.71
H31 VL7 D . -0.17 -15.36 -10.77
H30 VL7 D . 0.42 -14.39 -9.71
H32 VL7 D . 1.28 -17.18 -11.19
H35 VL7 D . 4.99 -16.69 -11.92
H34 VL7 D . 4.15 -15.46 -12.31
H36 VL7 D . 4.71 -17.44 -14.21
H38 VL7 D . 2.34 -13.17 -14.69
H39 VL7 D . 2.48 -14.47 -15.49
H40 VL7 D . 0.14 -12.93 -17.60
H41 VL7 D . 0.03 -13.01 -16.05
H42 VL7 D . 0.44 -14.26 -16.87
#